data_5UUM
#
_entry.id   5UUM
#
_cell.length_a   132.617
_cell.length_b   62.760
_cell.length_c   48.788
_cell.angle_alpha   90.000
_cell.angle_beta   98.140
_cell.angle_gamma   90.000
#
_symmetry.space_group_name_H-M   'C 1 2 1'
#
loop_
_entity.id
_entity.type
_entity.pdbx_description
1 polymer 'Induced myeloid leukemia cell differentiation protein Mcl-1'
2 polymer 'Bfl-1 specific peptide FS2'
3 non-polymer 'ZINC ION'
4 non-polymer 'SULFATE ION'
5 water water
#
loop_
_entity_poly.entity_id
_entity_poly.type
_entity_poly.pdbx_seq_one_letter_code
_entity_poly.pdbx_strand_id
1 'polypeptide(L)'
;GSDELYRQSLEIISRYLREQATGAKDTKPMGRSGATSRKALETLRRVGDGVQRNHETAFQGMLRKLDIKNEDDVKSLSRV
MIHVFSDGVTNWGRIVTLISFGAFVAKHLKTINQESCIEPLAESITDVLVRTKRDWLVKQRGWDGFVEFFHVEDLE
;
A,B
2 'polypeptide(L)' (ACE)QWVREIAAGLRRAADDVNAQVER(NH2) C,D
#
# COMPACT_ATOMS: atom_id res chain seq x y z
N GLY A 1 -31.54 -14.54 -14.25
CA GLY A 1 -31.61 -13.67 -15.40
C GLY A 1 -30.51 -13.91 -16.42
N SER A 2 -29.59 -12.95 -16.56
CA SER A 2 -28.55 -13.08 -17.57
C SER A 2 -27.30 -12.33 -17.16
N ASP A 3 -26.21 -12.62 -17.89
CA ASP A 3 -24.91 -11.97 -17.76
C ASP A 3 -24.30 -12.19 -16.38
N GLU A 4 -23.80 -13.40 -16.15
CA GLU A 4 -23.05 -13.68 -14.93
C GLU A 4 -21.64 -13.14 -15.00
N LEU A 5 -21.03 -13.09 -16.19
CA LEU A 5 -19.68 -12.56 -16.30
C LEU A 5 -19.64 -11.08 -15.91
N TYR A 6 -20.61 -10.31 -16.39
CA TYR A 6 -20.64 -8.88 -16.08
C TYR A 6 -20.83 -8.66 -14.58
N ARG A 7 -21.83 -9.34 -13.99
CA ARG A 7 -22.06 -9.24 -12.55
C ARG A 7 -20.79 -9.56 -11.77
N GLN A 8 -20.23 -10.75 -12.01
CA GLN A 8 -19.03 -11.17 -11.32
C GLN A 8 -17.90 -10.16 -11.48
N SER A 9 -17.66 -9.72 -12.72
CA SER A 9 -16.61 -8.73 -12.97
C SER A 9 -16.83 -7.48 -12.13
N LEU A 10 -18.07 -6.97 -12.14
CA LEU A 10 -18.36 -5.73 -11.43
C LEU A 10 -18.14 -5.89 -9.94
N GLU A 11 -18.49 -7.05 -9.38
CA GLU A 11 -18.30 -7.28 -7.95
C GLU A 11 -16.82 -7.27 -7.58
N ILE A 12 -15.99 -7.93 -8.39
CA ILE A 12 -14.56 -7.97 -8.11
C ILE A 12 -13.95 -6.58 -8.22
N ILE A 13 -14.32 -5.83 -9.27
CA ILE A 13 -13.71 -4.53 -9.52
C ILE A 13 -14.25 -3.48 -8.55
N SER A 14 -15.56 -3.53 -8.25
CA SER A 14 -16.14 -2.57 -7.31
C SER A 14 -15.50 -2.70 -5.93
N ARG A 15 -15.32 -3.93 -5.46
CA ARG A 15 -14.78 -4.13 -4.12
C ARG A 15 -13.32 -3.69 -4.05
N TYR A 16 -12.53 -4.01 -5.07
CA TYR A 16 -11.13 -3.58 -5.06
C TYR A 16 -11.04 -2.07 -5.05
N LEU A 17 -11.78 -1.40 -5.94
CA LEU A 17 -11.77 0.06 -5.96
C LEU A 17 -12.31 0.63 -4.65
N ARG A 18 -13.34 -0.01 -4.09
CA ARG A 18 -13.90 0.48 -2.83
C ARG A 18 -12.91 0.34 -1.69
N GLU A 19 -12.24 -0.80 -1.60
CA GLU A 19 -11.19 -0.97 -0.59
C GLU A 19 -10.11 0.09 -0.72
N GLN A 20 -9.59 0.26 -1.94
CA GLN A 20 -8.45 1.15 -2.16
C GLN A 20 -8.79 2.59 -1.80
N ALA A 21 -9.99 3.05 -2.19
CA ALA A 21 -10.36 4.44 -1.95
C ALA A 21 -10.61 4.70 -0.47
N THR A 22 -11.25 3.76 0.22
CA THR A 22 -11.59 3.94 1.63
C THR A 22 -10.53 3.37 2.56
N GLY A 23 -9.87 2.29 2.18
CA GLY A 23 -8.95 1.60 3.06
C GLY A 23 -9.59 0.57 3.96
N ALA A 24 -10.80 0.13 3.65
CA ALA A 24 -11.54 -0.83 4.47
C ALA A 24 -12.04 -1.97 3.61
N LYS A 25 -12.14 -3.16 4.22
CA LYS A 25 -12.63 -4.34 3.54
C LYS A 25 -14.13 -4.45 3.71
N ASP A 26 -14.81 -4.93 2.65
CA ASP A 26 -16.26 -5.05 2.67
C ASP A 26 -16.74 -6.06 3.69
N THR A 27 -15.90 -6.99 4.13
CA THR A 27 -16.32 -8.14 4.93
C THR A 27 -17.31 -8.89 4.05
N LYS A 28 -18.59 -9.02 4.42
CA LYS A 28 -19.68 -9.43 3.56
C LYS A 28 -19.27 -10.58 2.62
N PRO A 29 -18.79 -11.69 3.18
CA PRO A 29 -18.12 -12.71 2.36
C PRO A 29 -19.01 -13.31 1.27
N MET A 30 -18.47 -13.36 0.07
CA MET A 30 -18.95 -14.21 -1.04
C MET A 30 -20.41 -13.97 -1.43
N GLY A 31 -21.01 -14.95 -2.11
CA GLY A 31 -22.28 -14.78 -2.82
C GLY A 31 -22.06 -15.18 -4.27
N ARG A 32 -22.94 -16.06 -4.76
CA ARG A 32 -22.89 -16.56 -6.13
C ARG A 32 -21.58 -17.33 -6.30
N SER A 33 -20.72 -17.01 -7.26
CA SER A 33 -19.50 -17.77 -7.54
C SER A 33 -18.37 -17.19 -6.69
N GLY A 34 -18.38 -17.55 -5.41
CA GLY A 34 -17.51 -16.94 -4.44
C GLY A 34 -16.05 -17.38 -4.51
N ALA A 35 -15.81 -18.67 -4.73
CA ALA A 35 -14.45 -19.19 -4.68
C ALA A 35 -13.57 -18.51 -5.72
N THR A 36 -14.01 -18.50 -6.99
CA THR A 36 -13.26 -17.79 -8.02
C THR A 36 -13.16 -16.31 -7.69
N SER A 37 -14.27 -15.70 -7.30
CA SER A 37 -14.28 -14.27 -6.98
C SER A 37 -13.35 -13.97 -5.81
N ARG A 38 -13.31 -14.84 -4.81
CA ARG A 38 -12.46 -14.61 -3.66
C ARG A 38 -10.99 -14.63 -4.05
N LYS A 39 -10.59 -15.60 -4.89
CA LYS A 39 -9.20 -15.69 -5.31
C LYS A 39 -8.83 -14.60 -6.30
N ALA A 40 -9.78 -14.18 -7.14
CA ALA A 40 -9.50 -13.09 -8.07
C ALA A 40 -9.24 -11.80 -7.33
N LEU A 41 -10.04 -11.49 -6.30
CA LEU A 41 -9.85 -10.28 -5.54
C LEU A 41 -8.50 -10.29 -4.82
N GLU A 42 -8.11 -11.44 -4.28
CA GLU A 42 -6.81 -11.52 -3.60
C GLU A 42 -5.67 -11.40 -4.61
N THR A 43 -5.83 -11.99 -5.80
CA THR A 43 -4.85 -11.79 -6.85
C THR A 43 -4.80 -10.33 -7.27
N LEU A 44 -5.96 -9.68 -7.37
CA LEU A 44 -6.00 -8.27 -7.73
C LEU A 44 -5.35 -7.40 -6.66
N ARG A 45 -5.55 -7.77 -5.38
CA ARG A 45 -4.89 -7.05 -4.31
C ARG A 45 -3.38 -7.11 -4.45
N ARG A 46 -2.84 -8.32 -4.65
CA ARG A 46 -1.39 -8.49 -4.72
C ARG A 46 -0.82 -7.80 -5.95
N VAL A 47 -1.35 -8.09 -7.14
CA VAL A 47 -0.79 -7.51 -8.36
C VAL A 47 -1.17 -6.04 -8.46
N GLY A 48 -2.45 -5.72 -8.24
CA GLY A 48 -2.89 -4.34 -8.34
C GLY A 48 -2.07 -3.41 -7.46
N ASP A 49 -1.92 -3.77 -6.18
CA ASP A 49 -1.13 -2.95 -5.27
C ASP A 49 0.31 -2.81 -5.76
N GLY A 50 0.88 -3.89 -6.29
CA GLY A 50 2.25 -3.83 -6.76
C GLY A 50 2.42 -2.89 -7.95
N VAL A 51 1.50 -2.96 -8.91
CA VAL A 51 1.59 -2.09 -10.07
C VAL A 51 1.57 -0.62 -9.65
N GLN A 52 0.70 -0.28 -8.70
CA GLN A 52 0.60 1.11 -8.25
C GLN A 52 1.86 1.55 -7.51
N ARG A 53 2.43 0.65 -6.68
CA ARG A 53 3.72 0.94 -6.07
C ARG A 53 4.79 1.19 -7.11
N ASN A 54 4.94 0.26 -8.06
CA ASN A 54 6.07 0.27 -8.98
C ASN A 54 5.98 1.38 -10.02
N HIS A 55 4.80 1.91 -10.29
CA HIS A 55 4.61 2.94 -11.30
C HIS A 55 3.87 4.14 -10.71
N GLU A 56 4.18 4.48 -9.46
CA GLU A 56 3.45 5.52 -8.76
C GLU A 56 3.64 6.88 -9.42
N THR A 57 4.90 7.25 -9.69
CA THR A 57 5.16 8.57 -10.27
C THR A 57 4.57 8.67 -11.67
N ALA A 58 4.63 7.59 -12.45
CA ALA A 58 4.01 7.59 -13.76
C ALA A 58 2.51 7.81 -13.66
N PHE A 59 1.85 7.15 -12.70
CA PHE A 59 0.42 7.32 -12.53
C PHE A 59 0.07 8.76 -12.14
N GLN A 60 0.90 9.37 -11.29
CA GLN A 60 0.67 10.77 -10.95
C GLN A 60 0.70 11.66 -12.18
N GLY A 61 1.65 11.40 -13.10
CA GLY A 61 1.70 12.18 -14.33
C GLY A 61 0.46 11.98 -15.19
N MET A 62 0.02 10.73 -15.33
CA MET A 62 -1.21 10.46 -16.07
C MET A 62 -2.39 11.15 -15.40
N LEU A 63 -2.46 11.07 -14.08
CA LEU A 63 -3.55 11.69 -13.34
C LEU A 63 -3.61 13.19 -13.62
N ARG A 64 -2.45 13.86 -13.64
CA ARG A 64 -2.42 15.30 -13.90
C ARG A 64 -2.97 15.61 -15.30
N LYS A 65 -2.47 14.90 -16.31
CA LYS A 65 -2.99 15.11 -17.67
C LYS A 65 -4.49 14.80 -17.73
N LEU A 66 -4.92 13.78 -16.98
CA LEU A 66 -6.33 13.41 -16.97
C LEU A 66 -7.20 14.54 -16.42
N ASP A 67 -6.73 15.20 -15.35
CA ASP A 67 -7.53 16.26 -14.73
C ASP A 67 -7.58 17.52 -15.59
N ILE A 68 -6.44 17.90 -16.17
CA ILE A 68 -6.34 19.23 -16.77
C ILE A 68 -7.14 19.30 -18.06
N LYS A 69 -7.04 18.29 -18.92
CA LYS A 69 -7.52 18.44 -20.30
C LYS A 69 -9.03 18.33 -20.40
N ASN A 70 -9.64 17.38 -19.68
CA ASN A 70 -11.07 17.15 -19.78
C ASN A 70 -11.70 17.11 -18.39
N GLU A 71 -13.03 17.25 -18.37
CA GLU A 71 -13.75 17.49 -17.12
C GLU A 71 -13.92 16.20 -16.32
N ASP A 72 -14.55 15.19 -16.92
CA ASP A 72 -14.98 14.01 -16.18
C ASP A 72 -13.90 12.94 -16.26
N ASP A 73 -13.42 12.49 -15.08
CA ASP A 73 -12.35 11.51 -15.04
C ASP A 73 -12.83 10.12 -15.48
N VAL A 74 -14.07 9.77 -15.13
CA VAL A 74 -14.59 8.46 -15.52
C VAL A 74 -14.81 8.40 -17.03
N LYS A 75 -15.36 9.46 -17.62
CA LYS A 75 -15.50 9.50 -19.07
C LYS A 75 -14.13 9.53 -19.74
N SER A 76 -13.20 10.31 -19.18
CA SER A 76 -11.87 10.39 -19.76
C SER A 76 -11.13 9.06 -19.63
N LEU A 77 -11.28 8.38 -18.50
CA LEU A 77 -10.60 7.10 -18.32
C LEU A 77 -11.06 6.09 -19.36
N SER A 78 -12.34 6.12 -19.71
CA SER A 78 -12.85 5.21 -20.73
C SER A 78 -12.15 5.44 -22.07
N ARG A 79 -11.98 6.70 -22.47
CA ARG A 79 -11.23 7.00 -23.68
C ARG A 79 -9.85 6.35 -23.65
N VAL A 80 -9.17 6.44 -22.50
CA VAL A 80 -7.83 5.87 -22.37
C VAL A 80 -7.88 4.35 -22.56
N MET A 81 -8.85 3.69 -21.91
CA MET A 81 -8.90 2.24 -21.96
C MET A 81 -9.14 1.74 -23.38
N ILE A 82 -10.00 2.43 -24.13
CA ILE A 82 -10.25 2.04 -25.52
C ILE A 82 -8.98 2.21 -26.33
N HIS A 83 -8.30 3.34 -26.17
CA HIS A 83 -7.08 3.59 -26.94
C HIS A 83 -6.01 2.57 -26.58
N VAL A 84 -5.91 2.20 -25.30
CA VAL A 84 -4.93 1.19 -24.89
C VAL A 84 -5.09 -0.07 -25.72
N PHE A 85 -6.34 -0.51 -25.95
CA PHE A 85 -6.62 -1.71 -26.71
C PHE A 85 -6.74 -1.47 -28.20
N SER A 86 -6.55 -0.23 -28.68
CA SER A 86 -6.83 0.07 -30.08
C SER A 86 -5.85 -0.62 -31.03
N ASP A 87 -4.68 -1.04 -30.55
CA ASP A 87 -3.75 -1.78 -31.40
C ASP A 87 -4.14 -3.23 -31.58
N GLY A 88 -5.20 -3.69 -30.91
CA GLY A 88 -5.67 -5.06 -31.07
C GLY A 88 -5.00 -6.07 -30.18
N VAL A 89 -4.11 -5.65 -29.28
CA VAL A 89 -3.43 -6.56 -28.36
C VAL A 89 -4.22 -6.61 -27.05
N THR A 90 -4.48 -7.83 -26.58
CA THR A 90 -5.21 -8.05 -25.34
C THR A 90 -4.47 -9.10 -24.52
N ASN A 91 -4.22 -8.79 -23.25
CA ASN A 91 -3.62 -9.75 -22.34
C ASN A 91 -3.94 -9.31 -20.91
N TRP A 92 -3.72 -10.24 -19.97
CA TRP A 92 -4.05 -9.96 -18.58
C TRP A 92 -3.20 -8.84 -18.00
N GLY A 93 -1.95 -8.71 -18.44
CA GLY A 93 -1.12 -7.62 -17.97
C GLY A 93 -1.73 -6.26 -18.22
N ARG A 94 -2.31 -6.07 -19.41
CA ARG A 94 -2.97 -4.81 -19.71
C ARG A 94 -4.24 -4.65 -18.88
N ILE A 95 -5.03 -5.71 -18.76
CA ILE A 95 -6.28 -5.63 -18.01
C ILE A 95 -5.99 -5.24 -16.56
N VAL A 96 -5.02 -5.89 -15.93
CA VAL A 96 -4.74 -5.60 -14.53
C VAL A 96 -4.16 -4.20 -14.38
N THR A 97 -3.38 -3.73 -15.36
CA THR A 97 -2.85 -2.38 -15.29
C THR A 97 -3.98 -1.35 -15.34
N LEU A 98 -4.95 -1.54 -16.23
CA LEU A 98 -6.07 -0.62 -16.32
C LEU A 98 -6.88 -0.60 -15.03
N ILE A 99 -7.12 -1.78 -14.44
CA ILE A 99 -7.81 -1.82 -13.16
C ILE A 99 -6.98 -1.12 -12.09
N SER A 100 -5.66 -1.35 -12.10
CA SER A 100 -4.82 -0.71 -11.10
C SER A 100 -4.88 0.81 -11.23
N PHE A 101 -4.89 1.33 -12.46
CA PHE A 101 -4.97 2.77 -12.64
C PHE A 101 -6.34 3.29 -12.27
N GLY A 102 -7.39 2.53 -12.57
CA GLY A 102 -8.72 2.89 -12.10
C GLY A 102 -8.76 3.03 -10.59
N ALA A 103 -8.10 2.11 -9.87
CA ALA A 103 -8.01 2.23 -8.42
C ALA A 103 -7.25 3.48 -8.03
N PHE A 104 -6.24 3.86 -8.81
CA PHE A 104 -5.52 5.10 -8.56
C PHE A 104 -6.44 6.30 -8.73
N VAL A 105 -7.25 6.30 -9.79
CA VAL A 105 -8.20 7.38 -10.01
C VAL A 105 -9.22 7.43 -8.87
N ALA A 106 -9.66 6.26 -8.39
CA ALA A 106 -10.65 6.22 -7.32
C ALA A 106 -10.12 6.89 -6.05
N LYS A 107 -8.87 6.59 -5.68
CA LYS A 107 -8.26 7.30 -4.57
C LYS A 107 -8.29 8.81 -4.80
N HIS A 108 -7.82 9.24 -5.98
CA HIS A 108 -7.79 10.66 -6.30
C HIS A 108 -9.16 11.30 -6.13
N LEU A 109 -10.23 10.61 -6.57
CA LEU A 109 -11.57 11.19 -6.45
C LEU A 109 -12.00 11.29 -4.99
N LYS A 110 -11.60 10.33 -4.16
CA LYS A 110 -11.99 10.39 -2.76
C LYS A 110 -11.23 11.50 -2.02
N THR A 111 -10.02 11.83 -2.47
CA THR A 111 -9.27 12.92 -1.86
C THR A 111 -9.90 14.27 -2.19
N ILE A 112 -10.19 14.51 -3.47
CA ILE A 112 -10.78 15.80 -3.85
C ILE A 112 -12.21 15.91 -3.33
N ASN A 113 -12.84 14.79 -3.02
CA ASN A 113 -14.17 14.80 -2.39
C ASN A 113 -14.34 13.47 -1.68
N GLN A 114 -14.49 13.51 -0.35
CA GLN A 114 -14.58 12.28 0.43
C GLN A 114 -15.87 11.54 0.22
N GLU A 115 -16.93 12.21 -0.25
CA GLU A 115 -18.23 11.58 -0.40
C GLU A 115 -18.43 10.93 -1.77
N SER A 116 -17.46 11.04 -2.67
CA SER A 116 -17.63 10.48 -4.01
C SER A 116 -17.76 8.96 -3.95
N CYS A 117 -18.75 8.43 -4.68
CA CYS A 117 -18.92 6.99 -4.81
C CYS A 117 -18.01 6.45 -5.90
N ILE A 118 -17.64 5.17 -5.78
CA ILE A 118 -16.77 4.53 -6.76
C ILE A 118 -17.55 3.75 -7.81
N GLU A 119 -18.85 3.58 -7.65
CA GLU A 119 -19.61 2.73 -8.57
C GLU A 119 -19.53 3.22 -10.00
N PRO A 120 -19.74 4.49 -10.31
CA PRO A 120 -19.64 4.92 -11.72
C PRO A 120 -18.30 4.58 -12.35
N LEU A 121 -17.21 4.77 -11.62
CA LEU A 121 -15.89 4.40 -12.14
C LEU A 121 -15.79 2.90 -12.35
N ALA A 122 -16.24 2.10 -11.37
CA ALA A 122 -16.13 0.65 -11.47
C ALA A 122 -16.99 0.10 -12.61
N GLU A 123 -18.25 0.55 -12.69
CA GLU A 123 -19.13 0.04 -13.73
C GLU A 123 -18.68 0.48 -15.11
N SER A 124 -18.02 1.64 -15.21
CA SER A 124 -17.48 2.07 -16.49
C SER A 124 -16.28 1.21 -16.89
N ILE A 125 -15.40 0.90 -15.94
CA ILE A 125 -14.30 -0.02 -16.23
C ILE A 125 -14.84 -1.39 -16.63
N THR A 126 -15.73 -1.94 -15.81
CA THR A 126 -16.32 -3.23 -16.13
C THR A 126 -17.03 -3.20 -17.48
N ASP A 127 -17.65 -2.07 -17.81
CA ASP A 127 -18.32 -1.94 -19.10
C ASP A 127 -17.34 -2.12 -20.26
N VAL A 128 -16.24 -1.36 -20.23
CA VAL A 128 -15.21 -1.51 -21.26
C VAL A 128 -14.71 -2.95 -21.31
N LEU A 129 -14.34 -3.49 -20.15
CA LEU A 129 -13.66 -4.78 -20.11
C LEU A 129 -14.57 -5.91 -20.60
N VAL A 130 -15.82 -5.92 -20.14
CA VAL A 130 -16.72 -7.02 -20.49
C VAL A 130 -17.23 -6.88 -21.92
N ARG A 131 -17.75 -5.70 -22.28
CA ARG A 131 -18.32 -5.51 -23.61
C ARG A 131 -17.27 -5.74 -24.70
N THR A 132 -16.15 -5.01 -24.61
CA THR A 132 -15.19 -5.00 -25.70
C THR A 132 -14.32 -6.25 -25.77
N LYS A 133 -14.27 -7.04 -24.70
CA LYS A 133 -13.43 -8.23 -24.67
C LYS A 133 -14.21 -9.46 -24.21
N ARG A 134 -15.53 -9.44 -24.42
CA ARG A 134 -16.40 -10.52 -23.97
C ARG A 134 -15.84 -11.89 -24.38
N ASP A 135 -15.74 -12.14 -25.68
CA ASP A 135 -15.35 -13.47 -26.14
C ASP A 135 -13.93 -13.83 -25.72
N TRP A 136 -13.04 -12.84 -25.67
CA TRP A 136 -11.69 -13.11 -25.21
C TRP A 136 -11.67 -13.56 -23.76
N LEU A 137 -12.39 -12.84 -22.90
CA LEU A 137 -12.51 -13.25 -21.51
C LEU A 137 -13.05 -14.67 -21.39
N VAL A 138 -14.10 -14.98 -22.16
CA VAL A 138 -14.68 -16.32 -22.14
C VAL A 138 -13.62 -17.35 -22.54
N LYS A 139 -12.80 -17.03 -23.54
CA LYS A 139 -11.80 -17.98 -24.00
C LYS A 139 -10.75 -18.25 -22.93
N GLN A 140 -10.49 -17.27 -22.06
CA GLN A 140 -9.51 -17.44 -20.99
C GLN A 140 -10.12 -17.99 -19.72
N ARG A 141 -11.35 -18.51 -19.78
CA ARG A 141 -12.05 -19.02 -18.61
C ARG A 141 -12.35 -17.89 -17.61
N GLY A 142 -12.57 -16.68 -18.12
CA GLY A 142 -12.91 -15.57 -17.24
C GLY A 142 -11.86 -15.34 -16.17
N TRP A 143 -12.31 -15.18 -14.93
CA TRP A 143 -11.45 -14.83 -13.82
C TRP A 143 -10.62 -16.00 -13.31
N ASP A 144 -10.98 -17.23 -13.66
CA ASP A 144 -10.11 -18.35 -13.37
C ASP A 144 -8.80 -18.24 -14.12
N GLY A 145 -8.86 -17.78 -15.38
CA GLY A 145 -7.64 -17.54 -16.13
C GLY A 145 -6.85 -16.37 -15.58
N PHE A 146 -7.55 -15.30 -15.16
CA PHE A 146 -6.88 -14.18 -14.51
C PHE A 146 -6.11 -14.65 -13.27
N VAL A 147 -6.76 -15.44 -12.42
CA VAL A 147 -6.10 -15.93 -11.21
C VAL A 147 -4.85 -16.71 -11.57
N GLU A 148 -4.98 -17.67 -12.49
CA GLU A 148 -3.87 -18.58 -12.78
C GLU A 148 -2.71 -17.86 -13.46
N PHE A 149 -3.02 -16.94 -14.39
CA PHE A 149 -1.95 -16.22 -15.08
C PHE A 149 -1.00 -15.56 -14.09
N PHE A 150 -1.55 -14.95 -13.03
CA PHE A 150 -0.76 -14.25 -12.04
C PHE A 150 -0.39 -15.12 -10.84
N HIS A 151 -0.65 -16.43 -10.90
CA HIS A 151 -0.36 -17.33 -9.80
C HIS A 151 1.02 -17.95 -10.00
N VAL A 152 1.93 -17.69 -9.06
CA VAL A 152 3.26 -18.27 -9.09
C VAL A 152 3.18 -19.69 -8.56
N GLU A 153 3.58 -20.66 -9.38
CA GLU A 153 3.35 -22.07 -9.06
C GLU A 153 4.52 -22.71 -8.31
N ASP A 154 5.73 -22.19 -8.46
CA ASP A 154 6.85 -22.62 -7.63
C ASP A 154 7.62 -21.40 -7.13
N LEU A 155 7.76 -21.31 -5.81
CA LEU A 155 8.52 -20.22 -5.21
C LEU A 155 10.02 -20.43 -5.41
N GLU A 156 10.48 -21.68 -5.31
CA GLU A 156 11.89 -22.00 -5.41
C GLU A 156 12.53 -21.34 -6.63
N GLY B 1 14.95 24.77 19.71
CA GLY B 1 15.37 23.65 20.53
C GLY B 1 16.76 23.15 20.14
N SER B 2 17.40 22.41 21.06
CA SER B 2 18.77 21.97 20.90
C SER B 2 18.89 20.47 20.63
N ASP B 3 17.78 19.77 20.42
CA ASP B 3 17.79 18.32 20.23
C ASP B 3 17.71 18.03 18.73
N GLU B 4 18.86 17.78 18.12
CA GLU B 4 18.89 17.48 16.69
C GLU B 4 18.36 16.08 16.40
N LEU B 5 18.76 15.09 17.22
CA LEU B 5 18.36 13.71 16.93
C LEU B 5 16.85 13.56 17.05
N TYR B 6 16.23 14.23 18.00
CA TYR B 6 14.77 14.17 18.12
C TYR B 6 14.10 14.82 16.91
N ARG B 7 14.54 16.02 16.55
CA ARG B 7 13.95 16.72 15.41
C ARG B 7 14.00 15.87 14.16
N GLN B 8 15.18 15.33 13.84
CA GLN B 8 15.32 14.51 12.65
C GLN B 8 14.44 13.26 12.74
N SER B 9 14.48 12.57 13.88
CA SER B 9 13.68 11.36 14.04
C SER B 9 12.19 11.65 13.88
N LEU B 10 11.72 12.77 14.43
CA LEU B 10 10.31 13.11 14.30
C LEU B 10 9.95 13.39 12.84
N GLU B 11 10.84 14.07 12.12
CA GLU B 11 10.55 14.41 10.72
C GLU B 11 10.42 13.15 9.88
N ILE B 12 11.38 12.23 10.02
CA ILE B 12 11.34 10.99 9.23
C ILE B 12 10.10 10.18 9.58
N ILE B 13 9.84 10.01 10.88
CA ILE B 13 8.76 9.12 11.30
C ILE B 13 7.41 9.74 11.00
N SER B 14 7.24 11.03 11.26
CA SER B 14 5.96 11.67 11.03
C SER B 14 5.55 11.59 9.57
N ARG B 15 6.50 11.81 8.65
CA ARG B 15 6.18 11.76 7.23
C ARG B 15 5.68 10.38 6.84
N TYR B 16 6.43 9.33 7.19
CA TYR B 16 6.06 7.98 6.78
C TYR B 16 4.64 7.65 7.21
N LEU B 17 4.29 7.94 8.46
CA LEU B 17 2.94 7.68 8.94
C LEU B 17 1.92 8.48 8.14
N ARG B 18 2.19 9.78 7.94
CA ARG B 18 1.25 10.62 7.20
C ARG B 18 1.04 10.09 5.78
N GLU B 19 2.13 9.83 5.06
CA GLU B 19 2.02 9.36 3.69
C GLU B 19 1.32 8.01 3.63
N GLN B 20 1.56 7.15 4.62
CA GLN B 20 0.91 5.85 4.64
C GLN B 20 -0.60 5.99 4.78
N ALA B 21 -1.05 6.86 5.69
CA ALA B 21 -2.47 7.04 5.92
C ALA B 21 -3.11 7.84 4.79
N THR B 22 -2.48 8.95 4.40
CA THR B 22 -3.03 9.79 3.34
C THR B 22 -2.93 9.08 1.99
N GLY B 23 -1.75 8.56 1.66
CA GLY B 23 -1.50 7.97 0.37
C GLY B 23 -0.71 8.85 -0.58
N ALA B 24 -0.52 10.12 -0.24
CA ALA B 24 0.18 11.07 -1.08
C ALA B 24 1.49 11.48 -0.43
N LYS B 25 2.58 11.35 -1.17
CA LYS B 25 3.91 11.68 -0.64
C LYS B 25 4.12 13.18 -0.67
N ASP B 26 4.95 13.65 0.26
CA ASP B 26 5.12 15.09 0.50
C ASP B 26 6.20 15.63 -0.42
N THR B 27 5.80 16.50 -1.36
CA THR B 27 6.74 17.17 -2.25
C THR B 27 7.32 18.39 -1.54
N LYS B 28 8.36 18.13 -0.74
CA LYS B 28 8.97 19.16 0.08
C LYS B 28 10.37 18.72 0.45
N PRO B 29 11.24 19.64 0.88
CA PRO B 29 12.52 19.23 1.46
C PRO B 29 12.45 19.23 2.97
N MET B 30 12.81 18.09 3.58
CA MET B 30 12.71 17.96 5.02
C MET B 30 13.45 19.08 5.74
N GLY B 31 14.70 19.31 5.35
CA GLY B 31 15.52 20.33 5.97
C GLY B 31 16.89 19.80 6.34
N ARG B 32 17.77 20.75 6.68
CA ARG B 32 19.12 20.49 7.15
C ARG B 32 20.02 19.93 6.06
N SER B 33 19.63 20.05 4.79
CA SER B 33 20.47 19.75 3.65
C SER B 33 21.21 18.42 3.83
N GLY B 34 20.46 17.37 4.08
CA GLY B 34 21.03 16.06 4.33
C GLY B 34 20.42 14.95 3.51
N ALA B 35 21.27 14.18 2.83
CA ALA B 35 20.80 13.00 2.11
C ALA B 35 20.28 11.94 3.07
N THR B 36 20.85 11.86 4.28
CA THR B 36 20.46 10.83 5.22
C THR B 36 18.96 10.84 5.50
N SER B 37 18.38 12.04 5.64
CA SER B 37 16.95 12.13 5.92
C SER B 37 16.12 11.63 4.74
N ARG B 38 16.50 12.01 3.52
CA ARG B 38 15.80 11.48 2.35
C ARG B 38 16.06 9.99 2.16
N LYS B 39 17.29 9.55 2.43
CA LYS B 39 17.62 8.13 2.30
C LYS B 39 16.88 7.30 3.36
N ALA B 40 16.78 7.82 4.58
CA ALA B 40 16.08 7.08 5.63
C ALA B 40 14.61 6.86 5.27
N LEU B 41 13.97 7.88 4.68
CA LEU B 41 12.58 7.72 4.29
C LEU B 41 12.44 6.71 3.16
N GLU B 42 13.34 6.75 2.18
CA GLU B 42 13.32 5.74 1.11
C GLU B 42 13.44 4.34 1.68
N THR B 43 14.39 4.13 2.61
CA THR B 43 14.54 2.83 3.23
C THR B 43 13.29 2.45 4.01
N LEU B 44 12.77 3.39 4.80
CA LEU B 44 11.57 3.11 5.60
C LEU B 44 10.40 2.74 4.70
N ARG B 45 10.26 3.41 3.55
CA ARG B 45 9.19 3.08 2.62
C ARG B 45 9.33 1.66 2.12
N ARG B 46 10.55 1.25 1.74
CA ARG B 46 10.74 -0.10 1.21
C ARG B 46 10.62 -1.15 2.30
N VAL B 47 11.35 -0.98 3.40
CA VAL B 47 11.29 -1.97 4.48
C VAL B 47 9.96 -1.89 5.21
N GLY B 48 9.50 -0.67 5.52
CA GLY B 48 8.24 -0.54 6.23
C GLY B 48 7.08 -1.15 5.49
N ASP B 49 6.99 -0.90 4.18
CA ASP B 49 5.93 -1.50 3.39
C ASP B 49 6.02 -3.03 3.43
N GLY B 50 7.22 -3.56 3.22
CA GLY B 50 7.40 -5.01 3.22
C GLY B 50 6.91 -5.66 4.50
N VAL B 51 7.22 -5.05 5.64
CA VAL B 51 6.79 -5.62 6.92
C VAL B 51 5.27 -5.69 6.98
N GLN B 52 4.58 -4.65 6.51
CA GLN B 52 3.13 -4.64 6.56
C GLN B 52 2.54 -5.68 5.60
N ARG B 53 3.13 -5.84 4.41
CA ARG B 53 2.64 -6.85 3.49
C ARG B 53 2.80 -8.25 4.08
N ASN B 54 3.98 -8.55 4.62
CA ASN B 54 4.29 -9.91 5.04
C ASN B 54 3.59 -10.29 6.33
N HIS B 55 3.22 -9.30 7.16
CA HIS B 55 2.62 -9.55 8.46
C HIS B 55 1.27 -8.87 8.59
N GLU B 56 0.52 -8.81 7.49
CA GLU B 56 -0.77 -8.14 7.52
C GLU B 56 -1.72 -8.81 8.50
N THR B 57 -1.87 -10.13 8.38
CA THR B 57 -2.77 -10.85 9.27
C THR B 57 -2.37 -10.64 10.72
N ALA B 58 -1.10 -10.82 11.03
CA ALA B 58 -0.62 -10.60 12.40
C ALA B 58 -0.91 -9.19 12.87
N PHE B 59 -0.62 -8.19 12.02
CA PHE B 59 -0.90 -6.81 12.38
C PHE B 59 -2.40 -6.58 12.55
N GLN B 60 -3.21 -7.18 11.67
CA GLN B 60 -4.67 -7.07 11.83
C GLN B 60 -5.11 -7.61 13.18
N GLY B 61 -4.61 -8.78 13.56
CA GLY B 61 -4.99 -9.36 14.84
C GLY B 61 -4.62 -8.48 16.02
N MET B 62 -3.41 -7.91 16.00
CA MET B 62 -2.98 -7.04 17.09
C MET B 62 -3.88 -5.81 17.18
N LEU B 63 -4.13 -5.16 16.04
CA LEU B 63 -4.90 -3.92 16.05
C LEU B 63 -6.29 -4.15 16.65
N ARG B 64 -6.90 -5.30 16.37
CA ARG B 64 -8.15 -5.65 17.02
C ARG B 64 -8.02 -5.53 18.53
N LYS B 65 -7.14 -6.34 19.12
CA LYS B 65 -6.97 -6.34 20.58
C LYS B 65 -6.73 -4.93 21.10
N LEU B 66 -5.80 -4.21 20.47
CA LEU B 66 -5.46 -2.86 20.91
C LEU B 66 -6.70 -1.97 20.99
N ASP B 67 -7.52 -1.99 19.93
CA ASP B 67 -8.59 -1.01 19.81
C ASP B 67 -9.81 -1.38 20.66
N ILE B 68 -10.07 -2.67 20.87
CA ILE B 68 -11.21 -3.06 21.70
C ILE B 68 -10.86 -3.07 23.18
N LYS B 69 -9.58 -3.16 23.54
CA LYS B 69 -9.19 -3.24 24.94
C LYS B 69 -9.12 -1.85 25.58
N ASN B 70 -8.60 -0.86 24.87
CA ASN B 70 -8.33 0.44 25.46
C ASN B 70 -8.83 1.55 24.54
N GLU B 71 -8.93 2.76 25.10
CA GLU B 71 -9.61 3.86 24.43
C GLU B 71 -8.79 4.39 23.25
N ASP B 72 -7.63 4.97 23.53
CA ASP B 72 -6.86 5.71 22.54
C ASP B 72 -5.66 4.87 22.11
N ASP B 73 -5.50 4.72 20.79
CA ASP B 73 -4.53 3.77 20.26
C ASP B 73 -3.10 4.25 20.46
N VAL B 74 -2.88 5.55 20.56
CA VAL B 74 -1.52 6.07 20.76
C VAL B 74 -0.98 5.66 22.12
N LYS B 75 -1.78 5.83 23.17
CA LYS B 75 -1.32 5.46 24.51
C LYS B 75 -1.10 3.96 24.61
N SER B 76 -2.02 3.16 24.04
CA SER B 76 -1.83 1.72 24.03
C SER B 76 -0.54 1.34 23.32
N LEU B 77 -0.26 1.97 22.18
CA LEU B 77 0.94 1.66 21.43
C LEU B 77 2.20 1.98 22.23
N SER B 78 2.17 3.03 23.04
CA SER B 78 3.33 3.35 23.88
C SER B 78 3.62 2.23 24.86
N ARG B 79 2.58 1.67 25.49
CA ARG B 79 2.78 0.54 26.40
C ARG B 79 3.41 -0.64 25.67
N VAL B 80 3.00 -0.88 24.42
CA VAL B 80 3.51 -2.01 23.67
C VAL B 80 5.00 -1.83 23.37
N MET B 81 5.37 -0.63 22.92
CA MET B 81 6.77 -0.38 22.59
C MET B 81 7.68 -0.58 23.79
N ILE B 82 7.27 -0.07 24.96
CA ILE B 82 8.07 -0.27 26.16
C ILE B 82 8.24 -1.74 26.46
N HIS B 83 7.16 -2.52 26.34
CA HIS B 83 7.24 -3.94 26.67
C HIS B 83 8.12 -4.68 25.65
N VAL B 84 8.05 -4.29 24.38
CA VAL B 84 8.89 -4.92 23.36
C VAL B 84 10.35 -4.85 23.78
N PHE B 85 10.79 -3.69 24.28
CA PHE B 85 12.18 -3.49 24.67
C PHE B 85 12.46 -3.87 26.12
N SER B 86 11.47 -4.41 26.84
CA SER B 86 11.67 -4.70 28.27
C SER B 86 12.60 -5.87 28.51
N ASP B 87 12.94 -6.65 27.48
CA ASP B 87 13.90 -7.74 27.62
C ASP B 87 15.34 -7.30 27.43
N GLY B 88 15.57 -6.03 27.11
CA GLY B 88 16.91 -5.49 26.98
C GLY B 88 17.55 -5.64 25.62
N VAL B 89 16.78 -6.07 24.61
CA VAL B 89 17.31 -6.28 23.26
C VAL B 89 16.88 -5.12 22.38
N THR B 90 17.86 -4.49 21.73
CA THR B 90 17.64 -3.36 20.83
C THR B 90 18.32 -3.65 19.51
N ASN B 91 17.57 -3.52 18.41
CA ASN B 91 18.15 -3.67 17.08
C ASN B 91 17.22 -3.01 16.07
N TRP B 92 17.72 -2.89 14.83
CA TRP B 92 16.99 -2.18 13.79
C TRP B 92 15.75 -2.94 13.33
N GLY B 93 15.81 -4.27 13.31
CA GLY B 93 14.62 -5.04 12.97
C GLY B 93 13.44 -4.69 13.86
N ARG B 94 13.67 -4.63 15.17
CA ARG B 94 12.60 -4.26 16.08
C ARG B 94 12.17 -2.81 15.87
N ILE B 95 13.14 -1.91 15.68
CA ILE B 95 12.80 -0.51 15.47
C ILE B 95 11.94 -0.33 14.23
N VAL B 96 12.35 -0.94 13.11
CA VAL B 96 11.56 -0.78 11.88
C VAL B 96 10.20 -1.46 12.03
N THR B 97 10.14 -2.57 12.78
CA THR B 97 8.86 -3.25 12.97
C THR B 97 7.89 -2.38 13.76
N LEU B 98 8.36 -1.73 14.83
CA LEU B 98 7.49 -0.85 15.59
C LEU B 98 6.99 0.30 14.74
N ILE B 99 7.88 0.92 13.96
CA ILE B 99 7.46 2.01 13.07
C ILE B 99 6.46 1.49 12.04
N SER B 100 6.71 0.30 11.48
CA SER B 100 5.78 -0.27 10.52
C SER B 100 4.40 -0.44 11.14
N PHE B 101 4.34 -0.95 12.38
CA PHE B 101 3.05 -1.12 13.03
C PHE B 101 2.42 0.23 13.37
N GLY B 102 3.23 1.22 13.72
CA GLY B 102 2.71 2.57 13.87
C GLY B 102 2.09 3.08 12.58
N ALA B 103 2.78 2.87 11.46
CA ALA B 103 2.20 3.21 10.16
C ALA B 103 0.91 2.44 9.92
N PHE B 104 0.88 1.17 10.32
CA PHE B 104 -0.32 0.35 10.15
C PHE B 104 -1.47 0.89 11.00
N VAL B 105 -1.17 1.35 12.21
CA VAL B 105 -2.19 1.98 13.05
C VAL B 105 -2.62 3.31 12.46
N ALA B 106 -1.67 4.06 11.89
CA ALA B 106 -2.01 5.35 11.27
C ALA B 106 -3.04 5.18 10.17
N LYS B 107 -2.86 4.18 9.31
CA LYS B 107 -3.86 3.86 8.31
C LYS B 107 -5.22 3.61 8.96
N HIS B 108 -5.23 2.85 10.06
CA HIS B 108 -6.48 2.53 10.73
C HIS B 108 -7.17 3.80 11.24
N LEU B 109 -6.40 4.71 11.86
CA LEU B 109 -7.00 5.94 12.38
C LEU B 109 -7.62 6.77 11.27
N LYS B 110 -6.96 6.84 10.11
CA LYS B 110 -7.49 7.63 9.00
C LYS B 110 -8.82 7.07 8.52
N THR B 111 -8.90 5.75 8.34
CA THR B 111 -10.13 5.14 7.82
C THR B 111 -11.30 5.38 8.77
N ILE B 112 -11.03 5.54 10.07
CA ILE B 112 -12.09 5.76 11.05
C ILE B 112 -12.21 7.23 11.45
N ASN B 113 -11.60 8.13 10.69
CA ASN B 113 -11.69 9.57 10.95
C ASN B 113 -11.17 9.93 12.34
N GLN B 114 -10.14 9.21 12.80
CA GLN B 114 -9.35 9.62 13.96
C GLN B 114 -8.02 10.25 13.53
N GLU B 115 -8.01 10.91 12.36
CA GLU B 115 -6.77 11.39 11.78
C GLU B 115 -6.14 12.51 12.59
N SER B 116 -6.89 13.13 13.50
CA SER B 116 -6.30 14.09 14.42
C SER B 116 -5.37 13.42 15.43
N CYS B 117 -5.50 12.10 15.60
CA CYS B 117 -4.70 11.35 16.55
C CYS B 117 -3.45 10.72 15.93
N ILE B 118 -3.14 10.99 14.66
CA ILE B 118 -1.94 10.41 14.07
C ILE B 118 -0.71 11.29 14.30
N GLU B 119 -0.88 12.61 14.46
CA GLU B 119 0.27 13.45 14.71
C GLU B 119 0.83 13.15 16.10
N PRO B 120 -0.02 12.95 17.11
CA PRO B 120 0.51 12.45 18.40
C PRO B 120 1.13 11.07 18.28
N LEU B 121 0.63 10.22 17.38
CA LEU B 121 1.18 8.89 17.23
C LEU B 121 2.64 8.95 16.78
N ALA B 122 2.93 9.78 15.78
CA ALA B 122 4.30 9.88 15.28
C ALA B 122 5.23 10.41 16.36
N GLU B 123 4.80 11.43 17.10
CA GLU B 123 5.65 12.00 18.14
C GLU B 123 5.79 11.06 19.33
N SER B 124 4.75 10.28 19.63
CA SER B 124 4.84 9.30 20.71
C SER B 124 5.89 8.23 20.39
N ILE B 125 5.82 7.67 19.18
CA ILE B 125 6.82 6.68 18.76
C ILE B 125 8.21 7.28 18.86
N THR B 126 8.39 8.48 18.30
CA THR B 126 9.69 9.15 18.32
C THR B 126 10.20 9.30 19.74
N ASP B 127 9.32 9.69 20.67
CA ASP B 127 9.74 9.92 22.04
C ASP B 127 10.27 8.64 22.67
N VAL B 128 9.59 7.52 22.45
CA VAL B 128 10.11 6.23 22.93
C VAL B 128 11.47 5.96 22.32
N LEU B 129 11.54 5.93 20.99
CA LEU B 129 12.78 5.61 20.29
C LEU B 129 13.94 6.47 20.78
N VAL B 130 13.79 7.79 20.67
CA VAL B 130 14.92 8.69 20.86
C VAL B 130 15.29 8.77 22.34
N ARG B 131 14.30 9.00 23.22
CA ARG B 131 14.60 9.19 24.63
CA ARG B 131 14.60 9.19 24.62
C ARG B 131 15.12 7.91 25.27
N THR B 132 14.45 6.78 25.01
CA THR B 132 14.81 5.53 25.69
C THR B 132 15.96 4.78 25.02
N LYS B 133 16.32 5.12 23.78
CA LYS B 133 17.43 4.46 23.10
C LYS B 133 18.45 5.48 22.59
N ARG B 134 18.48 6.65 23.23
CA ARG B 134 19.38 7.74 22.85
C ARG B 134 20.78 7.26 22.52
N ASP B 135 21.49 6.71 23.52
CA ASP B 135 22.90 6.38 23.31
C ASP B 135 23.06 5.23 22.33
N TRP B 136 22.11 4.31 22.29
CA TRP B 136 22.16 3.23 21.31
C TRP B 136 22.09 3.79 19.90
N LEU B 137 21.16 4.72 19.66
CA LEU B 137 21.03 5.33 18.34
C LEU B 137 22.29 6.10 17.98
N VAL B 138 22.80 6.91 18.91
CA VAL B 138 24.01 7.68 18.65
C VAL B 138 25.16 6.74 18.30
N LYS B 139 25.33 5.66 19.06
CA LYS B 139 26.43 4.74 18.78
C LYS B 139 26.35 4.19 17.36
N GLN B 140 25.14 3.99 16.85
CA GLN B 140 24.93 3.45 15.52
C GLN B 140 24.87 4.55 14.45
N ARG B 141 25.32 5.75 14.78
CA ARG B 141 25.30 6.88 13.83
C ARG B 141 23.88 7.18 13.37
N GLY B 142 22.91 6.95 14.24
CA GLY B 142 21.54 7.37 13.98
C GLY B 142 21.02 6.77 12.70
N TRP B 143 20.34 7.61 11.92
CA TRP B 143 19.65 7.13 10.73
C TRP B 143 20.60 6.65 9.63
N ASP B 144 21.85 7.14 9.63
CA ASP B 144 22.85 6.58 8.72
C ASP B 144 23.01 5.08 8.97
N GLY B 145 23.06 4.67 10.24
CA GLY B 145 23.15 3.25 10.53
C GLY B 145 21.91 2.49 10.13
N PHE B 146 20.74 3.10 10.31
CA PHE B 146 19.50 2.49 9.87
C PHE B 146 19.49 2.26 8.37
N VAL B 147 19.91 3.27 7.60
CA VAL B 147 19.94 3.15 6.15
C VAL B 147 20.87 2.00 5.74
N GLU B 148 22.07 1.96 6.33
CA GLU B 148 23.05 0.96 5.93
C GLU B 148 22.62 -0.45 6.32
N PHE B 149 21.93 -0.58 7.46
CA PHE B 149 21.56 -1.90 7.94
C PHE B 149 20.63 -2.60 6.96
N PHE B 150 19.74 -1.85 6.31
CA PHE B 150 18.78 -2.40 5.37
C PHE B 150 19.17 -2.20 3.92
N HIS B 151 20.34 -1.65 3.64
CA HIS B 151 20.80 -1.43 2.28
C HIS B 151 21.48 -2.70 1.77
N VAL B 152 20.81 -3.41 0.86
CA VAL B 152 21.41 -4.60 0.27
C VAL B 152 22.42 -4.17 -0.78
N GLU B 153 23.67 -4.61 -0.62
CA GLU B 153 24.75 -4.10 -1.45
C GLU B 153 24.71 -4.69 -2.86
N ASP B 154 24.30 -5.95 -2.99
CA ASP B 154 24.28 -6.63 -4.28
C ASP B 154 22.92 -7.28 -4.48
N LEU B 155 22.23 -6.90 -5.56
CA LEU B 155 20.91 -7.44 -5.83
C LEU B 155 20.97 -8.80 -6.49
N GLU B 156 22.02 -9.09 -7.25
CA GLU B 156 22.12 -10.37 -7.95
C GLU B 156 21.95 -11.51 -6.95
N GLN C 2 -1.11 14.72 -27.96
CA GLN C 2 -2.50 14.36 -27.56
C GLN C 2 -2.48 13.60 -26.24
N TRP C 3 -3.35 14.01 -25.31
CA TRP C 3 -3.26 13.51 -23.94
C TRP C 3 -3.66 12.04 -23.85
N VAL C 4 -4.62 11.59 -24.65
CA VAL C 4 -5.09 10.21 -24.55
C VAL C 4 -3.96 9.25 -24.93
N ARG C 5 -3.26 9.54 -26.03
CA ARG C 5 -2.18 8.67 -26.48
C ARG C 5 -1.08 8.58 -25.44
N GLU C 6 -0.67 9.72 -24.89
CA GLU C 6 0.42 9.74 -23.92
C GLU C 6 0.10 8.88 -22.70
N ILE C 7 -1.15 8.95 -22.21
CA ILE C 7 -1.53 8.14 -21.06
C ILE C 7 -1.57 6.67 -21.45
N ALA C 8 -2.21 6.35 -22.57
CA ALA C 8 -2.26 4.96 -23.02
C ALA C 8 -0.86 4.40 -23.19
N ALA C 9 0.06 5.19 -23.76
CA ALA C 9 1.43 4.72 -23.95
C ALA C 9 2.06 4.31 -22.63
N GLY C 10 1.86 5.12 -21.58
CA GLY C 10 2.46 4.80 -20.30
C GLY C 10 1.86 3.55 -19.67
N LEU C 11 0.54 3.37 -19.81
CA LEU C 11 -0.10 2.17 -19.30
C LEU C 11 0.39 0.93 -20.05
N ARG C 12 0.59 1.04 -21.37
CA ARG C 12 1.12 -0.08 -22.14
C ARG C 12 2.51 -0.46 -21.65
N ARG C 13 3.35 0.54 -21.33
CA ARG C 13 4.67 0.24 -20.81
C ARG C 13 4.59 -0.47 -19.46
N ALA C 14 3.71 0.02 -18.58
CA ALA C 14 3.50 -0.64 -17.30
C ALA C 14 3.00 -2.06 -17.48
N ALA C 15 1.99 -2.24 -18.34
CA ALA C 15 1.46 -3.58 -18.58
C ALA C 15 2.55 -4.52 -19.11
N ASP C 16 3.35 -4.04 -20.06
CA ASP C 16 4.46 -4.86 -20.55
C ASP C 16 5.42 -5.23 -19.43
N ASP C 17 5.63 -4.32 -18.47
CA ASP C 17 6.43 -4.66 -17.30
C ASP C 17 5.79 -5.80 -16.52
N VAL C 18 4.47 -5.74 -16.32
CA VAL C 18 3.77 -6.79 -15.58
C VAL C 18 3.93 -8.13 -16.28
N ASN C 19 3.79 -8.15 -17.61
CA ASN C 19 3.90 -9.40 -18.35
C ASN C 19 5.30 -9.98 -18.26
N ALA C 20 6.33 -9.13 -18.32
CA ALA C 20 7.70 -9.60 -18.23
C ALA C 20 7.96 -10.25 -16.86
N GLN C 21 7.37 -9.69 -15.80
CA GLN C 21 7.54 -10.25 -14.47
C GLN C 21 6.96 -11.66 -14.37
N VAL C 22 5.79 -11.87 -14.97
CA VAL C 22 5.07 -13.14 -14.79
C VAL C 22 5.92 -14.31 -15.29
N GLU C 23 6.40 -14.23 -16.54
CA GLU C 23 7.19 -15.32 -17.11
C GLU C 23 8.69 -15.08 -16.86
N ARG C 24 9.01 -14.93 -15.58
CA ARG C 24 10.40 -14.85 -15.14
C ARG C 24 10.57 -15.62 -13.82
N GLN D 2 -2.33 -10.78 29.50
CA GLN D 2 -2.61 -9.34 29.16
C GLN D 2 -2.27 -9.08 27.70
N TRP D 3 -2.98 -8.13 27.11
CA TRP D 3 -2.87 -7.88 25.68
C TRP D 3 -1.52 -7.24 25.33
N VAL D 4 -1.02 -6.34 26.18
CA VAL D 4 0.28 -5.72 25.93
C VAL D 4 1.34 -6.79 25.66
N ARG D 5 1.37 -7.80 26.53
CA ARG D 5 2.33 -8.88 26.37
C ARG D 5 2.14 -9.61 25.05
N GLU D 6 0.89 -9.91 24.70
CA GLU D 6 0.61 -10.67 23.48
C GLU D 6 1.01 -9.89 22.24
N ILE D 7 0.72 -8.59 22.21
CA ILE D 7 1.09 -7.78 21.06
C ILE D 7 2.60 -7.66 20.96
N ALA D 8 3.27 -7.44 22.10
CA ALA D 8 4.73 -7.33 22.10
C ALA D 8 5.38 -8.59 21.56
N ALA D 9 4.83 -9.76 21.92
CA ALA D 9 5.40 -11.02 21.44
C ALA D 9 5.26 -11.14 19.93
N GLY D 10 4.12 -10.71 19.38
CA GLY D 10 3.95 -10.79 17.94
C GLY D 10 4.87 -9.84 17.19
N LEU D 11 5.04 -8.63 17.70
CA LEU D 11 5.99 -7.70 17.09
C LEU D 11 7.41 -8.25 17.18
N ARG D 12 7.76 -8.85 18.32
CA ARG D 12 9.06 -9.51 18.44
C ARG D 12 9.24 -10.57 17.37
N ARG D 13 8.22 -11.41 17.16
CA ARG D 13 8.30 -12.44 16.14
C ARG D 13 8.52 -11.83 14.75
N ALA D 14 7.79 -10.76 14.43
CA ALA D 14 7.95 -10.12 13.13
C ALA D 14 9.33 -9.48 13.00
N ALA D 15 9.81 -8.82 14.06
CA ALA D 15 11.13 -8.20 14.02
C ALA D 15 12.22 -9.24 13.82
N ASP D 16 12.09 -10.40 14.46
CA ASP D 16 13.05 -11.47 14.23
C ASP D 16 13.04 -11.92 12.78
N ASP D 17 11.85 -11.99 12.16
CA ASP D 17 11.77 -12.28 10.73
C ASP D 17 12.57 -11.27 9.92
N VAL D 18 12.41 -9.98 10.22
CA VAL D 18 13.11 -8.94 9.48
C VAL D 18 14.62 -9.11 9.65
N ASN D 19 15.08 -9.37 10.88
CA ASN D 19 16.52 -9.54 11.10
C ASN D 19 17.07 -10.74 10.33
N ALA D 20 16.29 -11.83 10.26
CA ALA D 20 16.75 -13.00 9.52
C ALA D 20 16.85 -12.70 8.03
N GLN D 21 15.90 -11.93 7.49
CA GLN D 21 15.93 -11.60 6.07
C GLN D 21 17.13 -10.70 5.75
N VAL D 22 17.49 -9.80 6.67
CA VAL D 22 18.61 -8.89 6.42
C VAL D 22 19.90 -9.68 6.24
N GLU D 23 20.12 -10.70 7.08
CA GLU D 23 21.37 -11.45 7.08
C GLU D 23 21.31 -12.71 6.21
N ARG D 24 20.42 -12.75 5.23
CA ARG D 24 20.44 -13.83 4.25
C ARG D 24 21.14 -13.37 2.97
#